data_7KXW
#
_entry.id   7KXW
#
_cell.length_a   143.950
_cell.length_b   61.714
_cell.length_c   65.312
_cell.angle_alpha   90.000
_cell.angle_beta   103.040
_cell.angle_gamma   90.000
#
_symmetry.space_group_name_H-M   'C 1 2 1'
#
loop_
_entity.id
_entity.type
_entity.pdbx_description
1 polymer 'Serine/threonine-protein kinase DCLK1'
2 polymer 'Serine/threonine-protein kinase DCLK1'
3 non-polymer 2-{[2-methoxy-4-(4-methylpiperazin-1-yl)phenyl]amino}-11-methyl-5-(2,2,2-trifluoroethyl)-5,11-dihydro-6H-pyrimido[4,5-b][1,4]benzodiazepin-6-one
4 non-polymer DI(HYDROXYETHYL)ETHER
5 non-polymer 'TETRAETHYLENE GLYCOL'
6 water water
#
loop_
_entity_poly.entity_id
_entity_poly.type
_entity_poly.pdbx_seq_one_letter_code
_entity_poly.pdbx_strand_id
1 'polypeptide(L)'
;GSGEEVSEEGFQIPATITERYKVGRTIGDGNFAVVKECVERSTAREYALKIIKKSKCRGKEHMIQNEVSILRRVKHPNIV
LLIEEMDVPTELYLVMELVKGGDLFDAITSTNKY(TPO)ERDASGMLYNLASAIKYLHSLNIVHRDIKPENLLVYEHQDG
SKSLKLGDFGLATIVDGPLYTVCGTPTYVAPEIIAETGYGLKVDIWAAGVITYILLCGFPPFRGSGDDQEVLFDQILMGQ
VDFPSPYWDNVSDSAKELITMMLLVDVDQRFSAVQVLEHPWVND
;
A
2 'polypeptide(L)'
;GSGEEVSEEGFQIPATITERYKVGRTIGDGNFAVVKECVERSTAREYALKIIKKSKCRGKEHMIQNEVSILRRVKHPNIV
LLIEEMDVPTELYLVMELVKGGDLFDAITSTNKYTERDASGMLYNLASAIKYLHSLNIVHRDIKPENLLVYEHQDGSKSL
KLGDFGLATIVDGPLYTVCGTPTYVAPEIIAETGYGLKVDIWAAGVITYILLCGFPPFRGSGDDQEVLFDQILMGQVDFP
SPYWDNVSDSAKELITMMLLVDVDQRFSAVQVLEHPWVND
;
B
#
loop_
_chem_comp.id
_chem_comp.type
_chem_comp.name
_chem_comp.formula
PEG non-polymer DI(HYDROXYETHYL)ETHER 'C4 H10 O3'
PG4 non-polymer 'TETRAETHYLENE GLYCOL' 'C8 H18 O5'
XBD non-polymer 2-{[2-methoxy-4-(4-methylpiperazin-1-yl)phenyl]amino}-11-methyl-5-(2,2,2-trifluoroethyl)-5,11-dihydro-6H-pyrimido[4,5-b][1,4]benzodiazepin-6-one 'C26 H28 F3 N7 O2'
#
# COMPACT_ATOMS: atom_id res chain seq x y z
N ILE A 13 2.90 -9.32 16.85
CA ILE A 13 3.46 -10.41 17.64
C ILE A 13 4.96 -10.70 17.36
N PRO A 14 5.86 -9.86 17.87
CA PRO A 14 7.27 -10.27 17.95
C PRO A 14 7.55 -11.06 19.22
N ALA A 15 8.68 -11.79 19.21
CA ALA A 15 9.09 -12.54 20.40
C ALA A 15 10.59 -12.43 20.68
N THR A 16 11.42 -12.90 19.74
CA THR A 16 12.87 -12.68 19.86
C THR A 16 13.20 -11.19 19.81
N ILE A 17 12.35 -10.39 19.13
CA ILE A 17 12.55 -8.95 19.04
C ILE A 17 12.29 -8.29 20.39
N THR A 18 11.27 -8.74 21.11
CA THR A 18 10.93 -8.11 22.38
C THR A 18 12.08 -8.26 23.39
N GLU A 19 12.87 -9.34 23.29
CA GLU A 19 14.00 -9.54 24.19
C GLU A 19 15.15 -8.59 23.89
N ARG A 20 15.31 -8.18 22.63
CA ARG A 20 16.38 -7.28 22.22
C ARG A 20 15.94 -5.84 22.13
N TYR A 21 14.65 -5.57 21.95
CA TYR A 21 14.17 -4.24 21.68
C TYR A 21 12.94 -3.92 22.53
N LYS A 22 12.69 -2.63 22.68
CA LYS A 22 11.55 -2.11 23.43
C LYS A 22 10.72 -1.29 22.45
N VAL A 23 9.65 -1.88 21.93
CA VAL A 23 8.80 -1.22 20.95
C VAL A 23 7.94 -0.16 21.64
N GLY A 24 7.82 1.01 21.00
CA GLY A 24 7.06 2.13 21.53
C GLY A 24 5.87 2.57 20.69
N ARG A 25 5.76 3.87 20.40
CA ARG A 25 4.62 4.38 19.65
C ARG A 25 4.65 3.85 18.22
N THR A 26 3.50 3.97 17.56
CA THR A 26 3.35 3.58 16.16
C THR A 26 3.36 4.81 15.26
N ILE A 27 4.04 4.69 14.11
CA ILE A 27 4.09 5.72 13.06
C ILE A 27 3.75 5.05 11.72
N ALA A 33 1.16 -2.96 6.47
CA ALA A 33 2.45 -2.64 7.07
C ALA A 33 2.39 -1.51 8.12
N VAL A 34 3.13 -1.66 9.23
CA VAL A 34 3.07 -0.74 10.37
C VAL A 34 4.50 -0.34 10.74
N VAL A 35 4.65 0.89 11.25
CA VAL A 35 5.94 1.43 11.67
C VAL A 35 5.83 1.92 13.12
N LYS A 36 6.75 1.46 13.98
CA LYS A 36 6.73 1.77 15.40
C LYS A 36 8.13 2.14 15.86
N GLU A 37 8.22 2.97 16.91
CA GLU A 37 9.51 3.29 17.50
C GLU A 37 10.09 2.09 18.23
N CYS A 38 11.42 2.00 18.23
CA CYS A 38 12.15 0.87 18.81
C CYS A 38 13.36 1.38 19.57
N VAL A 39 13.74 0.72 20.65
CA VAL A 39 14.91 1.13 21.44
C VAL A 39 15.76 -0.11 21.70
N GLU A 40 17.02 -0.07 21.25
CA GLU A 40 17.96 -1.17 21.43
C GLU A 40 18.35 -1.29 22.90
N ARG A 41 18.05 -2.44 23.51
CA ARG A 41 18.33 -2.60 24.93
C ARG A 41 19.82 -2.42 25.21
N SER A 42 20.68 -2.96 24.35
CA SER A 42 22.12 -2.94 24.62
C SER A 42 22.72 -1.54 24.53
N THR A 43 22.26 -0.71 23.59
CA THR A 43 22.89 0.58 23.37
C THR A 43 22.10 1.78 23.88
N ALA A 44 20.79 1.62 24.11
CA ALA A 44 19.82 2.70 24.34
C ALA A 44 19.63 3.56 23.11
N ARG A 45 20.08 3.10 21.94
CA ARG A 45 19.83 3.79 20.68
C ARG A 45 18.42 3.52 20.21
N GLU A 46 17.79 4.55 19.64
CA GLU A 46 16.46 4.43 19.09
C GLU A 46 16.53 3.92 17.64
N TYR A 47 15.64 2.99 17.33
CA TYR A 47 15.57 2.36 16.02
C TYR A 47 14.11 2.37 15.58
N ALA A 48 13.89 2.11 14.29
CA ALA A 48 12.55 1.98 13.75
C ALA A 48 12.27 0.52 13.46
N LEU A 49 11.09 0.05 13.83
CA LEU A 49 10.64 -1.31 13.55
C LEU A 49 9.49 -1.25 12.56
N LYS A 50 9.65 -1.93 11.42
CA LYS A 50 8.64 -1.95 10.37
C LYS A 50 8.06 -3.34 10.27
N ILE A 51 6.75 -3.43 10.45
CA ILE A 51 6.04 -4.70 10.48
C ILE A 51 5.26 -4.81 9.16
N ILE A 52 5.63 -5.80 8.34
CA ILE A 52 5.07 -5.98 7.00
C ILE A 52 4.37 -7.34 6.97
N LYS A 53 3.13 -7.35 6.48
CA LYS A 53 2.34 -8.58 6.41
C LYS A 53 2.73 -9.41 5.17
N GLU A 61 4.93 -10.76 -3.83
CA GLU A 61 5.87 -10.57 -2.74
C GLU A 61 7.33 -10.82 -3.15
N HIS A 62 7.56 -11.25 -4.39
CA HIS A 62 8.94 -11.36 -4.87
C HIS A 62 9.62 -9.99 -4.89
N MET A 63 8.86 -8.91 -5.10
CA MET A 63 9.47 -7.59 -5.13
C MET A 63 9.87 -7.16 -3.72
N ILE A 64 9.09 -7.54 -2.71
CA ILE A 64 9.50 -7.30 -1.33
C ILE A 64 10.68 -8.18 -0.96
N GLN A 65 10.65 -9.45 -1.39
CA GLN A 65 11.78 -10.33 -1.13
C GLN A 65 13.04 -9.77 -1.76
N ASN A 66 12.91 -9.18 -2.95
CA ASN A 66 14.07 -8.59 -3.62
C ASN A 66 14.60 -7.40 -2.84
N GLU A 67 13.70 -6.55 -2.33
CA GLU A 67 14.16 -5.35 -1.65
C GLU A 67 14.94 -5.69 -0.38
N VAL A 68 14.46 -6.68 0.38
CA VAL A 68 15.15 -7.03 1.61
C VAL A 68 16.53 -7.61 1.31
N SER A 69 16.66 -8.34 0.19
CA SER A 69 17.97 -8.89 -0.17
C SER A 69 19.01 -7.78 -0.37
N ILE A 70 18.60 -6.64 -0.93
CA ILE A 70 19.52 -5.51 -1.06
C ILE A 70 19.82 -4.91 0.30
N LEU A 71 18.79 -4.79 1.15
CA LEU A 71 18.96 -4.20 2.46
C LEU A 71 20.01 -4.98 3.28
N ARG A 72 20.04 -6.31 3.12
CA ARG A 72 21.05 -7.13 3.79
C ARG A 72 22.45 -6.83 3.26
N ARG A 73 22.56 -6.55 1.97
CA ARG A 73 23.89 -6.36 1.41
C ARG A 73 24.41 -4.95 1.62
N VAL A 74 23.54 -3.93 1.59
CA VAL A 74 24.04 -2.56 1.60
C VAL A 74 24.29 -2.10 3.03
N LYS A 75 25.53 -1.70 3.30
CA LYS A 75 25.94 -1.14 4.59
C LYS A 75 26.87 0.05 4.32
N HIS A 76 26.34 1.26 4.50
CA HIS A 76 27.12 2.47 4.30
C HIS A 76 26.57 3.52 5.26
N PRO A 77 27.42 4.41 5.79
CA PRO A 77 26.94 5.42 6.73
C PRO A 77 25.98 6.45 6.11
N ASN A 78 25.88 6.52 4.78
CA ASN A 78 24.99 7.46 4.11
C ASN A 78 23.77 6.74 3.52
N ILE A 79 23.45 5.57 4.06
CA ILE A 79 22.33 4.76 3.62
C ILE A 79 21.56 4.36 4.88
N VAL A 80 20.23 4.31 4.79
CA VAL A 80 19.42 3.88 5.93
C VAL A 80 19.61 2.38 6.10
N LEU A 81 20.22 1.96 7.21
CA LEU A 81 20.60 0.55 7.38
C LEU A 81 19.45 -0.33 7.82
N LEU A 82 19.54 -1.60 7.46
CA LEU A 82 18.67 -2.63 8.00
C LEU A 82 19.49 -3.36 9.06
N ILE A 83 19.07 -3.23 10.31
CA ILE A 83 19.82 -3.86 11.40
C ILE A 83 19.55 -5.36 11.45
N GLU A 84 18.28 -5.75 11.43
CA GLU A 84 17.99 -7.19 11.37
C GLU A 84 16.57 -7.41 10.86
N GLU A 85 16.33 -8.61 10.34
CA GLU A 85 15.01 -9.02 9.87
C GLU A 85 14.63 -10.35 10.47
N MET A 86 13.36 -10.45 10.89
CA MET A 86 12.81 -11.71 11.38
C MET A 86 11.64 -12.05 10.46
N ASP A 87 11.71 -13.21 9.82
CA ASP A 87 10.71 -13.60 8.84
C ASP A 87 9.86 -14.70 9.47
N VAL A 88 8.56 -14.45 9.59
CA VAL A 88 7.62 -15.43 10.16
C VAL A 88 6.51 -15.66 9.13
N PRO A 89 5.67 -16.71 9.27
CA PRO A 89 4.70 -17.01 8.20
C PRO A 89 3.65 -15.94 7.98
N THR A 90 3.27 -15.19 9.00
CA THR A 90 2.20 -14.21 8.83
C THR A 90 2.72 -12.86 8.37
N GLU A 91 3.84 -12.41 8.92
CA GLU A 91 4.30 -11.05 8.72
C GLU A 91 5.83 -11.04 8.64
N LEU A 92 6.39 -9.86 8.37
CA LEU A 92 7.84 -9.67 8.26
C LEU A 92 8.25 -8.45 9.08
N TYR A 93 9.33 -8.59 9.85
CA TYR A 93 9.78 -7.53 10.76
C TYR A 93 11.15 -7.01 10.33
N LEU A 94 11.28 -5.68 10.21
CA LEU A 94 12.53 -5.03 9.87
C LEU A 94 12.87 -3.98 10.94
N VAL A 95 14.08 -4.07 11.50
CA VAL A 95 14.59 -3.05 12.41
C VAL A 95 15.60 -2.21 11.64
N MET A 96 15.32 -0.92 11.53
CA MET A 96 16.09 -0.03 10.67
C MET A 96 16.43 1.25 11.43
N GLU A 97 17.39 1.98 10.88
CA GLU A 97 17.82 3.24 11.47
C GLU A 97 16.68 4.25 11.49
N LEU A 98 16.60 5.02 12.56
CA LEU A 98 15.58 6.05 12.71
C LEU A 98 16.27 7.39 12.58
N VAL A 99 15.81 8.21 11.65
CA VAL A 99 16.39 9.52 11.39
C VAL A 99 15.33 10.57 11.68
N LYS A 100 15.59 11.43 12.66
CA LYS A 100 14.58 12.38 13.11
C LYS A 100 14.57 13.71 12.35
N GLY A 101 15.59 13.99 11.54
CA GLY A 101 15.63 15.26 10.82
C GLY A 101 14.62 15.38 9.69
N GLY A 102 13.89 14.30 9.39
CA GLY A 102 12.96 14.32 8.28
C GLY A 102 13.68 14.15 6.97
N ASP A 103 12.89 14.21 5.89
CA ASP A 103 13.47 14.06 4.57
C ASP A 103 13.91 15.41 3.99
N LEU A 104 14.77 15.36 2.98
CA LEU A 104 15.28 16.57 2.35
C LEU A 104 14.16 17.39 1.71
N PHE A 105 13.04 16.76 1.38
CA PHE A 105 11.93 17.48 0.78
C PHE A 105 11.42 18.56 1.73
N ASP A 106 11.16 18.17 2.99
CA ASP A 106 10.65 19.11 3.99
C ASP A 106 11.68 20.18 4.34
N ALA A 107 12.95 19.79 4.45
CA ALA A 107 14.01 20.75 4.77
C ALA A 107 14.18 21.78 3.66
N ILE A 108 14.07 21.34 2.40
CA ILE A 108 14.15 22.26 1.25
C ILE A 108 13.02 23.29 1.31
N THR A 109 11.83 22.87 1.73
CA THR A 109 10.66 23.76 1.75
C THR A 109 10.90 24.97 2.64
N SER A 110 11.38 24.76 3.87
CA SER A 110 11.49 25.88 4.80
C SER A 110 12.65 26.80 4.45
N THR A 111 13.80 26.23 4.08
CA THR A 111 14.98 27.05 3.80
C THR A 111 15.00 27.59 2.37
N ASN A 112 14.35 26.87 1.42
CA ASN A 112 14.27 27.20 0.00
C ASN A 112 15.59 26.99 -0.73
N LYS A 113 16.63 27.75 -0.34
CA LYS A 113 17.95 27.66 -0.93
C LYS A 113 18.98 27.45 0.16
N TYR A 114 20.08 26.78 -0.20
CA TYR A 114 21.16 26.42 0.73
C TYR A 114 22.44 27.16 0.33
N TPO A 115 23.39 27.32 1.25
CA TPO A 115 24.69 27.83 0.85
CB TPO A 115 25.50 28.34 2.06
CG2 TPO A 115 25.19 27.43 3.26
OG1 TPO A 115 26.93 28.33 1.74
P TPO A 115 27.51 29.70 1.02
O1P TPO A 115 29.10 29.53 0.76
O2P TPO A 115 27.30 30.90 1.87
O3P TPO A 115 26.84 30.04 -0.43
C TPO A 115 25.44 26.74 0.11
O TPO A 115 25.15 25.55 0.27
N GLU A 116 26.42 27.16 -0.69
CA GLU A 116 27.22 26.25 -1.49
C GLU A 116 27.97 25.24 -0.59
N ARG A 117 28.44 25.71 0.58
CA ARG A 117 29.15 24.80 1.49
C ARG A 117 28.21 23.75 2.07
N ASP A 118 26.98 24.15 2.41
CA ASP A 118 26.01 23.17 2.88
C ASP A 118 25.61 22.20 1.77
N ALA A 119 25.40 22.71 0.56
CA ALA A 119 24.92 21.85 -0.51
C ALA A 119 25.99 20.85 -0.93
N SER A 120 27.25 21.27 -1.02
CA SER A 120 28.29 20.35 -1.42
C SER A 120 28.46 19.24 -0.38
N GLY A 121 28.22 19.55 0.89
CA GLY A 121 28.28 18.50 1.92
C GLY A 121 27.21 17.44 1.70
N MET A 122 26.02 17.86 1.30
CA MET A 122 24.96 16.93 0.97
C MET A 122 25.32 16.12 -0.27
N LEU A 123 25.85 16.78 -1.31
CA LEU A 123 26.28 16.05 -2.49
C LEU A 123 27.38 15.06 -2.14
N TYR A 124 28.23 15.42 -1.17
CA TYR A 124 29.24 14.48 -0.70
C TYR A 124 28.58 13.22 -0.15
N ASN A 125 27.51 13.38 0.65
CA ASN A 125 26.81 12.23 1.19
C ASN A 125 26.13 11.42 0.09
N LEU A 126 25.37 12.10 -0.77
CA LEU A 126 24.65 11.38 -1.80
C LEU A 126 25.61 10.66 -2.75
N ALA A 127 26.67 11.35 -3.18
CA ALA A 127 27.60 10.73 -4.12
C ALA A 127 28.35 9.58 -3.48
N SER A 128 28.64 9.69 -2.18
CA SER A 128 29.32 8.59 -1.49
C SER A 128 28.43 7.36 -1.46
N ALA A 129 27.14 7.57 -1.16
CA ALA A 129 26.19 6.45 -1.16
C ALA A 129 26.04 5.87 -2.56
N ILE A 130 25.96 6.73 -3.57
CA ILE A 130 25.82 6.29 -4.95
C ILE A 130 27.05 5.49 -5.39
N LYS A 131 28.25 6.01 -5.12
CA LYS A 131 29.46 5.29 -5.49
C LYS A 131 29.47 3.90 -4.88
N TYR A 132 29.08 3.79 -3.61
CA TYR A 132 29.06 2.48 -2.94
C TYR A 132 28.07 1.54 -3.61
N LEU A 133 26.86 2.02 -3.92
CA LEU A 133 25.88 1.16 -4.55
C LEU A 133 26.37 0.69 -5.93
N HIS A 134 27.03 1.58 -6.67
CA HIS A 134 27.48 1.22 -8.01
C HIS A 134 28.66 0.25 -7.98
N SER A 135 29.49 0.29 -6.92
CA SER A 135 30.53 -0.74 -6.76
C SER A 135 29.92 -2.11 -6.53
N LEU A 136 28.65 -2.17 -6.16
CA LEU A 136 27.91 -3.42 -6.08
C LEU A 136 27.02 -3.65 -7.29
N ASN A 137 27.18 -2.85 -8.35
CA ASN A 137 26.32 -2.88 -9.53
C ASN A 137 24.83 -2.78 -9.17
N ILE A 138 24.54 -1.92 -8.20
CA ILE A 138 23.18 -1.65 -7.76
C ILE A 138 22.82 -0.26 -8.22
N VAL A 139 21.67 -0.13 -8.86
CA VAL A 139 21.14 1.16 -9.22
C VAL A 139 19.91 1.38 -8.36
N HIS A 140 19.85 2.54 -7.69
CA HIS A 140 18.74 2.89 -6.80
C HIS A 140 17.49 3.30 -7.58
N ARG A 141 17.68 4.15 -8.59
CA ARG A 141 16.66 4.60 -9.56
C ARG A 141 15.42 5.18 -8.89
N ASP A 142 15.54 5.61 -7.64
CA ASP A 142 14.49 6.38 -6.97
C ASP A 142 15.15 7.34 -5.99
N ILE A 143 16.12 8.10 -6.48
CA ILE A 143 16.90 9.05 -5.69
C ILE A 143 16.21 10.42 -5.78
N LYS A 144 15.42 10.76 -4.76
CA LYS A 144 14.69 12.04 -4.72
C LYS A 144 14.73 12.59 -3.29
N PRO A 145 14.36 13.87 -3.08
CA PRO A 145 14.47 14.43 -1.71
C PRO A 145 13.66 13.71 -0.64
N GLU A 146 12.49 13.12 -0.99
CA GLU A 146 11.68 12.39 0.01
C GLU A 146 12.39 11.15 0.54
N ASN A 147 13.30 10.59 -0.26
CA ASN A 147 14.03 9.39 0.09
C ASN A 147 15.41 9.67 0.64
N LEU A 148 15.68 10.93 0.99
CA LEU A 148 16.96 11.35 1.57
C LEU A 148 16.67 11.89 2.95
N LEU A 149 17.10 11.18 3.99
CA LEU A 149 16.83 11.63 5.34
C LEU A 149 17.98 12.49 5.85
N VAL A 150 17.64 13.46 6.70
CA VAL A 150 18.58 14.46 7.22
C VAL A 150 18.90 14.12 8.67
N TYR A 151 20.18 14.21 9.02
CA TYR A 151 20.66 13.75 10.31
C TYR A 151 21.42 14.90 10.97
N GLU A 152 21.04 15.21 12.21
CA GLU A 152 21.54 16.36 12.94
C GLU A 152 22.70 15.92 13.83
N HIS A 153 23.91 16.38 13.49
CA HIS A 153 25.24 16.01 14.04
C HIS A 153 26.23 15.81 12.90
N SER A 159 24.16 15.75 7.78
CA SER A 159 24.31 14.50 7.02
C SER A 159 23.05 14.09 6.24
N LEU A 160 23.21 13.18 5.28
CA LEU A 160 22.10 12.65 4.50
C LEU A 160 22.17 11.12 4.55
N LYS A 161 21.02 10.48 4.40
CA LYS A 161 20.98 9.03 4.27
C LYS A 161 19.97 8.68 3.19
N LEU A 162 20.38 7.82 2.26
CA LEU A 162 19.52 7.44 1.15
C LEU A 162 18.73 6.20 1.55
N GLY A 163 17.46 6.16 1.17
CA GLY A 163 16.65 5.03 1.58
C GLY A 163 15.64 4.60 0.53
N ASP A 164 14.67 3.78 0.95
CA ASP A 164 13.64 3.24 0.05
C ASP A 164 14.20 2.58 -1.22
N PHE A 165 14.64 1.33 -1.09
CA PHE A 165 15.18 0.55 -2.20
C PHE A 165 14.10 -0.27 -2.92
N GLY A 166 12.87 0.24 -2.95
CA GLY A 166 11.79 -0.49 -3.60
C GLY A 166 11.99 -0.63 -5.09
N LEU A 167 12.64 0.35 -5.72
CA LEU A 167 12.96 0.32 -7.14
C LEU A 167 14.37 -0.15 -7.39
N ALA A 168 15.19 -0.30 -6.35
CA ALA A 168 16.58 -0.66 -6.53
C ALA A 168 16.68 -2.00 -7.22
N THR A 169 17.78 -2.21 -7.93
CA THR A 169 18.01 -3.49 -8.61
C THR A 169 19.50 -3.61 -8.93
N ILE A 170 19.89 -4.83 -9.29
CA ILE A 170 21.25 -5.14 -9.73
C ILE A 170 21.24 -5.08 -11.25
N VAL A 171 22.23 -4.42 -11.84
CA VAL A 171 22.22 -4.17 -13.28
C VAL A 171 22.90 -5.35 -13.98
N ASP A 172 22.09 -6.38 -14.26
CA ASP A 172 22.55 -7.54 -15.05
C ASP A 172 22.72 -7.18 -16.53
N GLY A 173 21.95 -6.20 -17.02
CA GLY A 173 22.06 -5.73 -18.37
C GLY A 173 21.41 -4.36 -18.49
N PRO A 174 21.11 -3.91 -19.70
CA PRO A 174 20.41 -2.64 -19.87
C PRO A 174 18.99 -2.73 -19.32
N LEU A 175 18.57 -1.70 -18.57
CA LEU A 175 17.20 -1.64 -18.07
C LEU A 175 16.35 -0.79 -18.99
N TYR A 176 15.05 -1.11 -19.07
CA TYR A 176 14.15 -0.39 -19.96
C TYR A 176 12.87 0.11 -19.26
N THR A 177 12.58 -0.32 -18.03
CA THR A 177 11.38 0.12 -17.34
C THR A 177 11.45 1.60 -17.00
N VAL A 178 10.35 2.32 -17.24
CA VAL A 178 10.29 3.76 -17.03
C VAL A 178 9.66 3.97 -15.65
N CYS A 179 10.48 4.06 -14.62
CA CYS A 179 9.95 4.27 -13.28
C CYS A 179 10.74 5.38 -12.60
N GLY A 180 10.12 5.98 -11.60
CA GLY A 180 10.69 7.08 -10.85
C GLY A 180 9.90 8.35 -11.08
N THR A 181 10.04 9.28 -10.15
CA THR A 181 9.33 10.54 -10.23
C THR A 181 9.91 11.42 -11.33
N PRO A 182 9.12 11.80 -12.35
CA PRO A 182 9.71 12.30 -13.60
C PRO A 182 10.68 13.47 -13.47
N THR A 183 10.54 14.34 -12.46
CA THR A 183 11.44 15.48 -12.37
C THR A 183 12.91 15.06 -12.27
N TYR A 184 13.20 13.91 -11.63
CA TYR A 184 14.58 13.46 -11.42
C TYR A 184 15.02 12.39 -12.41
N VAL A 185 14.18 12.05 -13.39
CA VAL A 185 14.42 10.92 -14.28
C VAL A 185 15.30 11.37 -15.45
N ALA A 186 16.31 10.55 -15.78
CA ALA A 186 17.27 10.86 -16.83
C ALA A 186 16.64 10.72 -18.22
N PRO A 187 17.22 11.37 -19.23
CA PRO A 187 16.62 11.30 -20.58
C PRO A 187 16.62 9.89 -21.17
N GLU A 188 17.63 9.05 -20.90
CA GLU A 188 17.62 7.71 -21.48
C GLU A 188 16.46 6.86 -20.97
N ILE A 189 16.01 7.11 -19.74
CA ILE A 189 14.84 6.39 -19.22
C ILE A 189 13.63 6.76 -20.06
N ILE A 190 13.45 8.07 -20.29
CA ILE A 190 12.33 8.55 -21.09
C ILE A 190 12.44 8.01 -22.51
N ALA A 191 13.64 8.05 -23.08
CA ALA A 191 13.81 7.59 -24.45
C ALA A 191 13.56 6.09 -24.60
N GLU A 192 13.57 5.33 -23.50
CA GLU A 192 13.34 3.88 -23.49
C GLU A 192 14.36 3.10 -24.31
N THR A 193 15.56 3.67 -24.53
CA THR A 193 16.60 2.97 -25.29
C THR A 193 17.50 2.09 -24.43
N GLY A 194 17.32 2.08 -23.11
CA GLY A 194 18.12 1.26 -22.20
C GLY A 194 19.01 2.06 -21.28
N TYR A 195 18.93 1.82 -19.95
CA TYR A 195 19.67 2.62 -18.98
C TYR A 195 20.43 1.75 -18.01
N GLY A 196 21.36 2.37 -17.29
CA GLY A 196 22.15 1.68 -16.31
C GLY A 196 22.40 2.48 -15.04
N LEU A 197 23.61 2.35 -14.49
CA LEU A 197 23.91 2.92 -13.19
C LEU A 197 23.89 4.44 -13.22
N LYS A 198 24.18 5.05 -14.36
CA LYS A 198 24.41 6.49 -14.31
C LYS A 198 23.11 7.29 -14.22
N VAL A 199 21.95 6.64 -14.13
CA VAL A 199 20.75 7.45 -13.96
C VAL A 199 20.68 7.97 -12.54
N ASP A 200 21.37 7.33 -11.61
CA ASP A 200 21.43 7.86 -10.26
C ASP A 200 22.25 9.14 -10.22
N ILE A 201 23.28 9.25 -11.06
CA ILE A 201 24.06 10.48 -11.12
C ILE A 201 23.18 11.61 -11.64
N TRP A 202 22.38 11.33 -12.67
CA TRP A 202 21.50 12.35 -13.24
C TRP A 202 20.57 12.90 -12.17
N ALA A 203 20.03 12.04 -11.31
CA ALA A 203 19.18 12.50 -10.21
C ALA A 203 19.97 13.35 -9.23
N ALA A 204 21.23 12.98 -8.98
CA ALA A 204 22.03 13.73 -8.02
C ALA A 204 22.28 15.15 -8.51
N GLY A 205 22.46 15.33 -9.82
CA GLY A 205 22.58 16.68 -10.37
C GLY A 205 21.30 17.47 -10.27
N VAL A 206 20.16 16.81 -10.47
CA VAL A 206 18.86 17.49 -10.36
C VAL A 206 18.64 17.95 -8.92
N ILE A 207 19.06 17.15 -7.95
CA ILE A 207 18.89 17.54 -6.55
C ILE A 207 19.79 18.72 -6.22
N THR A 208 21.08 18.60 -6.57
CA THR A 208 22.04 19.67 -6.27
C THR A 208 21.61 20.96 -6.90
N TYR A 209 21.04 20.89 -8.10
CA TYR A 209 20.50 22.09 -8.74
C TYR A 209 19.38 22.67 -7.90
N ILE A 210 18.44 21.83 -7.46
CA ILE A 210 17.33 22.28 -6.64
C ILE A 210 17.84 22.86 -5.32
N LEU A 211 18.92 22.30 -4.79
CA LEU A 211 19.45 22.80 -3.52
C LEU A 211 19.95 24.23 -3.67
N LEU A 212 20.61 24.53 -4.79
CA LEU A 212 21.32 25.81 -4.93
C LEU A 212 20.40 26.99 -5.30
N CYS A 213 19.28 26.75 -6.00
CA CYS A 213 18.42 27.85 -6.46
C CYS A 213 16.95 27.75 -6.10
N GLY A 214 16.46 26.60 -5.66
CA GLY A 214 15.08 26.43 -5.23
C GLY A 214 14.10 25.89 -6.26
N PHE A 215 14.52 25.66 -7.50
CA PHE A 215 13.65 25.14 -8.55
C PHE A 215 14.40 24.14 -9.41
N PRO A 216 13.69 23.22 -10.08
CA PRO A 216 14.37 22.13 -10.84
C PRO A 216 14.89 22.61 -12.19
N PRO A 217 15.92 21.97 -12.72
CA PRO A 217 16.43 22.38 -14.04
C PRO A 217 15.49 22.06 -15.20
N PHE A 218 14.57 21.09 -15.07
CA PHE A 218 13.58 20.80 -16.12
C PHE A 218 12.19 20.85 -15.48
N ARG A 219 11.34 21.76 -15.96
CA ARG A 219 10.12 22.16 -15.28
C ARG A 219 8.83 21.79 -16.00
N GLY A 220 8.75 21.97 -17.31
CA GLY A 220 7.54 21.55 -17.98
C GLY A 220 6.33 22.40 -17.60
N SER A 221 5.16 21.91 -17.98
CA SER A 221 3.92 22.60 -17.71
C SER A 221 2.85 21.62 -17.23
N GLN A 225 2.32 17.44 -18.80
CA GLN A 225 3.28 16.37 -18.51
C GLN A 225 4.25 16.13 -19.69
N GLU A 226 3.73 16.29 -20.90
CA GLU A 226 4.54 16.04 -22.10
C GLU A 226 5.67 17.06 -22.23
N VAL A 227 5.46 18.28 -21.75
CA VAL A 227 6.47 19.31 -21.88
C VAL A 227 7.69 18.97 -21.04
N LEU A 228 7.48 18.40 -19.85
CA LEU A 228 8.61 18.02 -19.00
C LEU A 228 9.52 17.04 -19.73
N PHE A 229 8.94 16.14 -20.53
CA PHE A 229 9.74 15.12 -21.20
C PHE A 229 10.61 15.73 -22.29
N ASP A 230 10.08 16.70 -23.04
CA ASP A 230 10.91 17.30 -24.09
C ASP A 230 12.07 18.12 -23.50
N GLN A 231 11.88 18.70 -22.31
CA GLN A 231 12.96 19.45 -21.66
C GLN A 231 14.08 18.51 -21.23
N ILE A 232 13.74 17.35 -20.70
CA ILE A 232 14.75 16.39 -20.24
C ILE A 232 15.49 15.80 -21.42
N LEU A 233 14.75 15.35 -22.44
CA LEU A 233 15.36 14.77 -23.63
C LEU A 233 16.26 15.78 -24.35
N MET A 234 15.92 17.07 -24.31
CA MET A 234 16.83 18.09 -24.82
C MET A 234 18.07 18.23 -23.93
N GLY A 235 17.87 18.16 -22.61
CA GLY A 235 18.97 18.17 -21.65
C GLY A 235 19.79 19.44 -21.58
N GLN A 236 19.14 20.60 -21.70
CA GLN A 236 19.85 21.88 -21.67
C GLN A 236 19.84 22.43 -20.26
N VAL A 237 21.00 22.43 -19.62
CA VAL A 237 21.15 22.90 -18.23
C VAL A 237 21.39 24.41 -18.28
N ASP A 238 20.48 25.18 -17.69
CA ASP A 238 20.60 26.63 -17.66
C ASP A 238 20.64 27.13 -16.23
N PHE A 239 21.28 28.29 -16.04
CA PHE A 239 21.44 28.88 -14.72
C PHE A 239 20.86 30.30 -14.75
N PRO A 240 19.54 30.43 -14.61
CA PRO A 240 18.89 31.73 -14.76
C PRO A 240 19.43 32.76 -13.78
N SER A 241 19.30 34.05 -14.17
CA SER A 241 19.52 35.22 -13.34
C SER A 241 18.17 35.79 -12.92
N PRO A 242 18.08 36.39 -11.72
CA PRO A 242 19.20 36.65 -10.79
C PRO A 242 19.66 35.47 -9.92
N TYR A 243 18.94 34.36 -9.95
CA TYR A 243 19.08 33.30 -8.94
C TYR A 243 20.49 32.72 -8.89
N TRP A 244 21.12 32.47 -10.04
CA TRP A 244 22.41 31.80 -10.11
C TRP A 244 23.59 32.78 -10.25
N ASP A 245 23.38 34.07 -9.98
CA ASP A 245 24.47 35.05 -10.17
C ASP A 245 25.61 34.85 -9.18
N ASN A 246 25.28 34.58 -7.91
CA ASN A 246 26.31 34.37 -6.90
C ASN A 246 26.95 32.98 -6.97
N VAL A 247 26.21 31.95 -7.41
CA VAL A 247 26.74 30.59 -7.35
C VAL A 247 27.97 30.49 -8.23
N SER A 248 29.00 29.83 -7.72
CA SER A 248 30.31 29.78 -8.38
C SER A 248 30.23 28.99 -9.68
N ASP A 249 31.22 29.22 -10.54
CA ASP A 249 31.25 28.45 -11.78
C ASP A 249 31.71 27.00 -11.58
N SER A 250 32.40 26.72 -10.47
CA SER A 250 32.72 25.32 -10.19
C SER A 250 31.45 24.50 -9.94
N ALA A 251 30.48 25.08 -9.25
CA ALA A 251 29.21 24.37 -9.04
C ALA A 251 28.45 24.20 -10.34
N LYS A 252 28.39 25.26 -11.16
CA LYS A 252 27.70 25.14 -12.45
C LYS A 252 28.38 24.11 -13.34
N GLU A 253 29.72 24.04 -13.28
CA GLU A 253 30.46 23.10 -14.11
C GLU A 253 30.17 21.66 -13.71
N LEU A 254 30.23 21.38 -12.40
CA LEU A 254 29.96 20.03 -11.93
C LEU A 254 28.53 19.62 -12.27
N ILE A 255 27.56 20.49 -11.95
CA ILE A 255 26.16 20.22 -12.27
C ILE A 255 25.99 19.93 -13.77
N THR A 256 26.75 20.63 -14.61
CA THR A 256 26.66 20.40 -16.06
C THR A 256 27.07 18.97 -16.41
N MET A 257 28.22 18.53 -15.86
CA MET A 257 28.72 17.20 -16.18
C MET A 257 27.85 16.10 -15.60
N MET A 258 27.21 16.35 -14.45
CA MET A 258 26.29 15.37 -13.90
C MET A 258 25.04 15.27 -14.77
N LEU A 259 24.64 16.37 -15.41
CA LEU A 259 23.40 16.39 -16.20
C LEU A 259 23.66 16.32 -17.70
N LEU A 260 24.57 15.44 -18.11
CA LEU A 260 24.87 15.24 -19.52
C LEU A 260 23.93 14.19 -20.11
N VAL A 261 23.53 14.42 -21.35
CA VAL A 261 22.69 13.43 -22.04
C VAL A 261 23.51 12.24 -22.52
N ASP A 262 24.78 12.45 -22.87
CA ASP A 262 25.68 11.35 -23.23
C ASP A 262 26.02 10.58 -21.98
N VAL A 263 25.53 9.34 -21.88
CA VAL A 263 25.69 8.57 -20.64
C VAL A 263 27.14 8.23 -20.40
N ASP A 264 27.89 7.92 -21.47
CA ASP A 264 29.29 7.54 -21.31
C ASP A 264 30.13 8.72 -20.87
N GLN A 265 29.82 9.91 -21.40
CA GLN A 265 30.56 11.10 -21.03
C GLN A 265 30.08 11.69 -19.70
N ARG A 266 28.83 11.42 -19.31
CA ARG A 266 28.30 11.87 -18.03
C ARG A 266 29.22 11.39 -16.90
N PHE A 267 29.28 12.19 -15.84
CA PHE A 267 30.15 11.89 -14.72
C PHE A 267 29.75 10.59 -14.01
N SER A 268 30.75 9.88 -13.51
CA SER A 268 30.57 8.78 -12.57
C SER A 268 30.60 9.32 -11.14
N ALA A 269 30.17 8.50 -10.18
CA ALA A 269 30.22 8.97 -8.79
C ALA A 269 31.65 9.27 -8.36
N VAL A 270 32.63 8.54 -8.90
CA VAL A 270 34.01 8.83 -8.56
C VAL A 270 34.38 10.22 -9.07
N GLN A 271 34.00 10.53 -10.31
CA GLN A 271 34.29 11.83 -10.89
C GLN A 271 33.59 12.94 -10.13
N VAL A 272 32.43 12.65 -9.55
CA VAL A 272 31.79 13.63 -8.69
C VAL A 272 32.59 13.80 -7.42
N LEU A 273 33.08 12.69 -6.85
CA LEU A 273 33.73 12.75 -5.55
C LEU A 273 35.11 13.39 -5.62
N GLU A 274 35.71 13.49 -6.81
CA GLU A 274 37.04 14.10 -6.99
C GLU A 274 36.97 15.56 -7.44
N HIS A 275 35.76 16.13 -7.64
CA HIS A 275 35.59 17.49 -8.11
C HIS A 275 35.87 18.46 -6.96
N PRO A 276 36.50 19.60 -7.26
CA PRO A 276 36.85 20.53 -6.16
C PRO A 276 35.64 21.03 -5.39
N TRP A 277 34.48 21.18 -6.03
CA TRP A 277 33.30 21.65 -5.32
C TRP A 277 32.91 20.68 -4.19
N VAL A 278 33.10 19.37 -4.43
CA VAL A 278 32.77 18.33 -3.46
C VAL A 278 33.85 18.25 -2.37
N ASN A 279 35.09 18.59 -2.69
CA ASN A 279 36.20 18.66 -1.72
C ASN A 279 36.55 20.13 -1.40
N ILE B 13 -5.12 18.55 -5.05
CA ILE B 13 -6.37 18.03 -5.59
C ILE B 13 -6.82 18.88 -6.78
N PRO B 14 -7.11 18.23 -7.91
CA PRO B 14 -7.36 18.97 -9.15
C PRO B 14 -8.62 19.83 -9.10
N ALA B 15 -8.67 20.75 -10.07
CA ALA B 15 -9.80 21.67 -10.22
C ALA B 15 -11.11 20.92 -10.40
N THR B 16 -11.15 19.95 -11.32
CA THR B 16 -12.39 19.25 -11.60
C THR B 16 -13.04 18.65 -10.35
N ILE B 17 -12.24 18.22 -9.37
CA ILE B 17 -12.79 17.72 -8.11
C ILE B 17 -13.32 18.86 -7.23
N THR B 18 -12.54 19.95 -7.10
CA THR B 18 -12.91 21.04 -6.17
C THR B 18 -14.15 21.83 -6.61
N GLU B 19 -14.39 21.98 -7.92
CA GLU B 19 -15.59 22.70 -8.34
C GLU B 19 -16.86 21.90 -8.05
N ARG B 20 -16.75 20.56 -8.01
CA ARG B 20 -17.90 19.71 -7.74
C ARG B 20 -17.97 19.21 -6.31
N TYR B 21 -16.83 19.12 -5.60
CA TYR B 21 -16.78 18.52 -4.27
C TYR B 21 -16.00 19.41 -3.31
N LYS B 22 -16.41 19.41 -2.04
CA LYS B 22 -15.72 20.14 -0.97
C LYS B 22 -15.11 19.11 -0.02
N VAL B 23 -13.79 18.94 -0.12
CA VAL B 23 -13.11 17.90 0.66
C VAL B 23 -13.07 18.29 2.12
N GLY B 24 -13.36 17.32 2.99
CA GLY B 24 -13.43 17.57 4.42
C GLY B 24 -12.36 16.83 5.21
N ARG B 25 -12.77 16.16 6.28
CA ARG B 25 -11.82 15.46 7.15
C ARG B 25 -11.21 14.26 6.43
N THR B 26 -10.13 13.73 7.02
CA THR B 26 -9.47 12.54 6.52
C THR B 26 -9.90 11.35 7.38
N ILE B 27 -10.19 10.22 6.73
CA ILE B 27 -10.56 9.00 7.45
C ILE B 27 -9.76 7.79 6.96
N PHE B 32 0.23 4.71 1.15
CA PHE B 32 0.32 5.50 -0.07
C PHE B 32 -1.07 5.72 -0.70
N ALA B 33 -2.11 5.61 0.13
CA ALA B 33 -3.48 5.89 -0.28
C ALA B 33 -4.26 6.39 0.93
N VAL B 34 -5.08 7.42 0.71
CA VAL B 34 -5.80 8.11 1.77
C VAL B 34 -7.29 8.20 1.40
N VAL B 35 -8.14 8.23 2.41
CA VAL B 35 -9.59 8.32 2.24
C VAL B 35 -10.10 9.54 3.00
N LYS B 36 -10.86 10.39 2.30
CA LYS B 36 -11.30 11.67 2.86
C LYS B 36 -12.80 11.85 2.61
N GLU B 37 -13.45 12.52 3.55
CA GLU B 37 -14.86 12.89 3.36
C GLU B 37 -14.97 14.07 2.41
N CYS B 38 -16.02 14.04 1.59
CA CYS B 38 -16.29 15.16 0.71
C CYS B 38 -17.80 15.31 0.61
N VAL B 39 -18.23 16.50 0.22
CA VAL B 39 -19.66 16.84 0.13
C VAL B 39 -19.92 17.40 -1.26
N GLU B 40 -20.85 16.77 -1.99
CA GLU B 40 -21.17 17.25 -3.33
C GLU B 40 -21.87 18.59 -3.21
N ARG B 41 -21.27 19.63 -3.79
CA ARG B 41 -21.81 20.97 -3.59
C ARG B 41 -23.24 21.09 -4.06
N SER B 42 -23.56 20.55 -5.23
CA SER B 42 -24.88 20.79 -5.79
C SER B 42 -25.98 20.11 -4.95
N THR B 43 -25.69 18.95 -4.37
CA THR B 43 -26.70 18.17 -3.66
C THR B 43 -26.58 18.21 -2.14
N ALA B 44 -25.42 18.60 -1.61
CA ALA B 44 -25.03 18.50 -0.20
C ALA B 44 -24.89 17.05 0.27
N ARG B 45 -25.00 16.09 -0.65
CA ARG B 45 -24.75 14.68 -0.33
C ARG B 45 -23.35 14.51 0.23
N GLU B 46 -23.20 13.63 1.20
CA GLU B 46 -21.89 13.33 1.72
C GLU B 46 -21.33 12.10 1.02
N TYR B 47 -20.05 12.18 0.65
CA TYR B 47 -19.37 11.11 -0.08
C TYR B 47 -17.99 10.88 0.51
N ALA B 48 -17.43 9.73 0.18
CA ALA B 48 -16.07 9.39 0.56
C ALA B 48 -15.18 9.56 -0.67
N LEU B 49 -14.04 10.20 -0.47
CA LEU B 49 -13.07 10.42 -1.54
C LEU B 49 -11.81 9.64 -1.23
N LYS B 50 -11.38 8.79 -2.16
CA LYS B 50 -10.18 7.99 -1.99
C LYS B 50 -9.14 8.44 -3.01
N ILE B 51 -7.99 8.86 -2.51
CA ILE B 51 -6.89 9.38 -3.33
C ILE B 51 -5.80 8.31 -3.37
N ILE B 52 -5.52 7.80 -4.56
CA ILE B 52 -4.59 6.69 -4.75
C ILE B 52 -3.40 7.22 -5.55
N LYS B 53 -2.20 6.99 -5.03
CA LYS B 53 -0.99 7.41 -5.73
C LYS B 53 -0.64 6.38 -6.80
N LYS B 54 -0.53 6.81 -8.05
CA LYS B 54 -0.12 5.91 -9.13
C LYS B 54 1.40 5.71 -9.07
N SER B 55 1.86 4.48 -9.31
CA SER B 55 3.18 4.05 -8.86
C SER B 55 4.12 3.70 -10.02
N LYS B 56 5.39 3.53 -9.65
CA LYS B 56 6.49 3.28 -10.56
C LYS B 56 6.80 1.77 -10.67
N GLY B 59 4.33 -2.60 -8.74
CA GLY B 59 3.49 -3.78 -8.71
C GLY B 59 2.00 -3.57 -8.52
N LYS B 60 1.54 -2.32 -8.48
CA LYS B 60 0.15 -2.02 -8.13
C LYS B 60 -0.70 -1.61 -9.34
N GLU B 61 -0.07 -1.35 -10.49
CA GLU B 61 -0.76 -0.95 -11.72
C GLU B 61 -2.01 -1.78 -12.00
N HIS B 62 -1.82 -3.05 -12.38
CA HIS B 62 -2.91 -3.88 -12.87
C HIS B 62 -3.82 -4.37 -11.76
N MET B 63 -3.36 -4.36 -10.50
CA MET B 63 -4.23 -4.69 -9.38
C MET B 63 -5.24 -3.59 -9.12
N ILE B 64 -4.83 -2.34 -9.31
CA ILE B 64 -5.76 -1.23 -9.21
C ILE B 64 -6.73 -1.23 -10.40
N GLN B 65 -6.21 -1.44 -11.62
CA GLN B 65 -7.06 -1.44 -12.82
C GLN B 65 -8.14 -2.51 -12.75
N ASN B 66 -7.79 -3.70 -12.24
CA ASN B 66 -8.79 -4.76 -12.16
C ASN B 66 -9.89 -4.40 -11.18
N GLU B 67 -9.51 -3.83 -10.03
CA GLU B 67 -10.49 -3.55 -8.98
C GLU B 67 -11.49 -2.50 -9.44
N VAL B 68 -11.02 -1.44 -10.10
CA VAL B 68 -11.98 -0.42 -10.54
C VAL B 68 -12.86 -0.97 -11.66
N SER B 69 -12.32 -1.85 -12.50
CA SER B 69 -13.14 -2.43 -13.55
C SER B 69 -14.32 -3.21 -12.95
N ILE B 70 -14.10 -3.86 -11.81
CA ILE B 70 -15.20 -4.54 -11.13
C ILE B 70 -16.17 -3.54 -10.52
N LEU B 71 -15.67 -2.45 -9.93
CA LEU B 71 -16.54 -1.44 -9.34
C LEU B 71 -17.52 -0.85 -10.34
N ARG B 72 -17.10 -0.73 -11.60
CA ARG B 72 -17.97 -0.17 -12.64
C ARG B 72 -19.18 -1.07 -12.90
N ARG B 73 -18.98 -2.37 -12.91
CA ARG B 73 -20.06 -3.28 -13.28
C ARG B 73 -21.02 -3.54 -12.13
N VAL B 74 -20.54 -3.43 -10.89
CA VAL B 74 -21.37 -3.80 -9.75
C VAL B 74 -22.24 -2.61 -9.35
N LYS B 75 -23.55 -2.83 -9.32
CA LYS B 75 -24.52 -1.84 -8.85
C LYS B 75 -25.53 -2.61 -8.00
N HIS B 76 -25.42 -2.48 -6.68
CA HIS B 76 -26.28 -3.19 -5.74
C HIS B 76 -26.48 -2.36 -4.49
N PRO B 77 -27.67 -2.43 -3.87
CA PRO B 77 -27.91 -1.64 -2.65
C PRO B 77 -27.10 -2.09 -1.46
N ASN B 78 -26.49 -3.27 -1.51
CA ASN B 78 -25.69 -3.81 -0.42
C ASN B 78 -24.20 -3.84 -0.78
N ILE B 79 -23.78 -3.02 -1.73
CA ILE B 79 -22.39 -2.89 -2.16
C ILE B 79 -22.06 -1.41 -2.24
N VAL B 80 -20.86 -1.04 -1.82
CA VAL B 80 -20.45 0.36 -1.85
C VAL B 80 -20.32 0.79 -3.30
N LEU B 81 -21.11 1.77 -3.72
CA LEU B 81 -21.12 2.18 -5.12
C LEU B 81 -20.00 3.17 -5.43
N LEU B 82 -19.55 3.15 -6.67
CA LEU B 82 -18.55 4.08 -7.18
C LEU B 82 -19.25 5.19 -7.94
N ILE B 83 -19.16 6.42 -7.43
CA ILE B 83 -19.86 7.55 -8.04
C ILE B 83 -19.14 8.03 -9.30
N GLU B 84 -17.85 8.35 -9.19
CA GLU B 84 -17.05 8.73 -10.34
C GLU B 84 -15.57 8.51 -10.04
N GLU B 85 -14.79 8.42 -11.10
CA GLU B 85 -13.33 8.28 -11.03
C GLU B 85 -12.69 9.33 -11.91
N MET B 86 -11.72 10.07 -11.37
CA MET B 86 -11.00 11.10 -12.11
C MET B 86 -9.50 10.78 -12.08
N ASP B 87 -8.92 10.61 -13.26
CA ASP B 87 -7.55 10.15 -13.43
C ASP B 87 -6.67 11.30 -13.92
N VAL B 88 -5.59 11.56 -13.20
CA VAL B 88 -4.61 12.61 -13.52
C VAL B 88 -3.26 11.91 -13.66
N PRO B 89 -2.20 12.56 -14.21
CA PRO B 89 -0.96 11.79 -14.46
C PRO B 89 -0.29 11.24 -13.21
N THR B 90 -0.41 11.91 -12.07
CA THR B 90 0.26 11.46 -10.85
C THR B 90 -0.60 10.53 -9.99
N GLU B 91 -1.92 10.76 -9.93
CA GLU B 91 -2.76 10.07 -8.96
C GLU B 91 -4.10 9.71 -9.57
N LEU B 92 -4.88 8.93 -8.81
CA LEU B 92 -6.19 8.47 -9.24
C LEU B 92 -7.20 8.74 -8.13
N TYR B 93 -8.31 9.38 -8.49
CA TYR B 93 -9.33 9.81 -7.54
C TYR B 93 -10.60 9.00 -7.74
N LEU B 94 -11.13 8.46 -6.64
CA LEU B 94 -12.37 7.71 -6.67
C LEU B 94 -13.33 8.34 -5.67
N VAL B 95 -14.51 8.70 -6.14
CA VAL B 95 -15.60 9.19 -5.29
C VAL B 95 -16.58 8.04 -5.14
N MET B 96 -16.83 7.65 -3.90
CA MET B 96 -17.62 6.45 -3.62
C MET B 96 -18.65 6.74 -2.55
N GLU B 97 -19.60 5.81 -2.46
CA GLU B 97 -20.66 5.91 -1.46
C GLU B 97 -20.04 5.84 -0.06
N LEU B 98 -20.55 6.66 0.85
CA LEU B 98 -20.02 6.79 2.20
C LEU B 98 -20.98 6.21 3.22
N VAL B 99 -20.49 5.30 4.05
CA VAL B 99 -21.28 4.67 5.11
C VAL B 99 -20.68 5.14 6.43
N LYS B 100 -21.52 5.75 7.27
CA LYS B 100 -21.04 6.42 8.47
C LYS B 100 -20.86 5.49 9.67
N GLY B 101 -21.40 4.27 9.60
CA GLY B 101 -21.31 3.38 10.73
C GLY B 101 -19.97 2.69 10.93
N GLY B 102 -19.03 2.80 9.99
CA GLY B 102 -17.77 2.09 10.11
C GLY B 102 -17.87 0.63 9.70
N ASP B 103 -16.75 -0.09 9.85
CA ASP B 103 -16.70 -1.48 9.43
C ASP B 103 -17.18 -2.42 10.53
N LEU B 104 -17.63 -3.61 10.09
CA LEU B 104 -18.19 -4.60 11.00
C LEU B 104 -17.15 -5.12 11.98
N PHE B 105 -15.87 -5.06 11.63
CA PHE B 105 -14.83 -5.49 12.55
C PHE B 105 -14.86 -4.68 13.83
N ASP B 106 -14.88 -3.35 13.68
CA ASP B 106 -14.91 -2.51 14.86
C ASP B 106 -16.22 -2.70 15.61
N ALA B 107 -17.34 -2.77 14.88
CA ALA B 107 -18.63 -2.93 15.55
C ALA B 107 -18.71 -4.26 16.29
N ILE B 108 -18.14 -5.32 15.70
CA ILE B 108 -18.12 -6.62 16.37
C ILE B 108 -17.34 -6.53 17.68
N THR B 109 -16.26 -5.75 17.70
CA THR B 109 -15.46 -5.60 18.91
C THR B 109 -16.28 -4.98 20.04
N SER B 110 -17.00 -3.89 19.74
CA SER B 110 -17.75 -3.12 20.74
C SER B 110 -19.06 -3.77 21.18
N THR B 111 -19.78 -4.40 20.25
CA THR B 111 -21.10 -4.97 20.54
C THR B 111 -21.02 -6.36 21.18
N ASN B 112 -19.94 -7.11 20.90
CA ASN B 112 -19.70 -8.49 21.35
C ASN B 112 -20.60 -9.51 20.65
N LYS B 113 -21.91 -9.47 20.92
CA LYS B 113 -22.87 -10.38 20.31
C LYS B 113 -24.06 -9.61 19.73
N TYR B 114 -24.68 -10.16 18.69
CA TYR B 114 -25.81 -9.55 18.00
C TYR B 114 -27.06 -10.38 18.21
N THR B 115 -28.21 -9.71 18.19
CA THR B 115 -29.47 -10.43 18.33
C THR B 115 -29.83 -11.11 17.00
N GLU B 116 -30.50 -12.25 17.10
CA GLU B 116 -30.94 -12.98 15.92
C GLU B 116 -31.71 -12.11 14.94
N ARG B 117 -32.48 -11.13 15.44
CA ARG B 117 -33.19 -10.22 14.55
C ARG B 117 -32.24 -9.31 13.80
N ASP B 118 -31.17 -8.84 14.48
CA ASP B 118 -30.12 -8.05 13.83
C ASP B 118 -29.33 -8.89 12.82
N ALA B 119 -28.90 -10.10 13.25
CA ALA B 119 -27.95 -10.88 12.47
C ALA B 119 -28.56 -11.46 11.21
N SER B 120 -29.82 -11.93 11.28
CA SER B 120 -30.43 -12.47 10.07
C SER B 120 -30.62 -11.39 9.02
N GLY B 121 -30.89 -10.16 9.45
CA GLY B 121 -30.96 -9.05 8.50
C GLY B 121 -29.61 -8.75 7.88
N MET B 122 -28.54 -8.80 8.70
CA MET B 122 -27.19 -8.56 8.20
C MET B 122 -26.80 -9.64 7.20
N LEU B 123 -27.06 -10.90 7.52
CA LEU B 123 -26.81 -11.97 6.58
C LEU B 123 -27.69 -11.84 5.34
N TYR B 124 -28.90 -11.29 5.48
CA TYR B 124 -29.71 -11.05 4.29
C TYR B 124 -29.00 -10.11 3.32
N ASN B 125 -28.46 -9.01 3.84
CA ASN B 125 -27.75 -8.08 2.98
C ASN B 125 -26.52 -8.75 2.38
N LEU B 126 -25.72 -9.42 3.22
CA LEU B 126 -24.50 -10.05 2.72
C LEU B 126 -24.83 -11.11 1.66
N ALA B 127 -25.88 -11.91 1.89
CA ALA B 127 -26.26 -12.94 0.93
C ALA B 127 -26.87 -12.37 -0.35
N SER B 128 -27.60 -11.25 -0.26
CA SER B 128 -28.12 -10.65 -1.48
C SER B 128 -26.98 -10.14 -2.36
N ALA B 129 -25.97 -9.50 -1.75
CA ALA B 129 -24.82 -9.03 -2.52
C ALA B 129 -24.05 -10.20 -3.12
N ILE B 130 -23.88 -11.28 -2.34
CA ILE B 130 -23.13 -12.45 -2.78
C ILE B 130 -23.84 -13.11 -3.97
N LYS B 131 -25.15 -13.34 -3.84
CA LYS B 131 -25.94 -13.90 -4.93
C LYS B 131 -25.79 -13.06 -6.19
N TYR B 132 -25.80 -11.73 -6.02
CA TYR B 132 -25.62 -10.83 -7.15
C TYR B 132 -24.25 -10.99 -7.78
N LEU B 133 -23.21 -11.05 -6.95
CA LEU B 133 -21.86 -11.22 -7.47
C LEU B 133 -21.71 -12.57 -8.16
N HIS B 134 -22.30 -13.62 -7.58
CA HIS B 134 -22.19 -14.95 -8.18
C HIS B 134 -23.01 -15.07 -9.45
N SER B 135 -24.11 -14.32 -9.58
CA SER B 135 -24.85 -14.28 -10.83
C SER B 135 -24.02 -13.68 -11.96
N LEU B 136 -22.94 -12.97 -11.62
CA LEU B 136 -21.95 -12.47 -12.57
C LEU B 136 -20.71 -13.34 -12.65
N ASN B 137 -20.73 -14.51 -12.02
CA ASN B 137 -19.56 -15.37 -11.92
C ASN B 137 -18.36 -14.62 -11.34
N ILE B 138 -18.63 -13.76 -10.35
CA ILE B 138 -17.61 -13.02 -9.63
C ILE B 138 -17.50 -13.59 -8.22
N VAL B 139 -16.28 -13.91 -7.80
CA VAL B 139 -16.01 -14.39 -6.46
C VAL B 139 -15.21 -13.30 -5.73
N HIS B 140 -15.67 -12.94 -4.52
CA HIS B 140 -15.05 -11.85 -3.77
C HIS B 140 -13.72 -12.27 -3.14
N ARG B 141 -13.66 -13.48 -2.59
CA ARG B 141 -12.46 -14.07 -1.97
C ARG B 141 -11.88 -13.24 -0.83
N ASP B 142 -12.62 -12.28 -0.28
CA ASP B 142 -12.15 -11.58 0.90
C ASP B 142 -13.36 -11.03 1.67
N ILE B 143 -14.32 -11.90 1.95
CA ILE B 143 -15.53 -11.52 2.66
C ILE B 143 -15.20 -11.69 4.15
N LYS B 144 -14.84 -10.59 4.79
CA LYS B 144 -14.46 -10.55 6.19
C LYS B 144 -15.05 -9.28 6.79
N PRO B 145 -15.10 -9.17 8.12
CA PRO B 145 -15.72 -7.98 8.72
C PRO B 145 -15.05 -6.67 8.34
N GLU B 146 -13.73 -6.68 8.10
CA GLU B 146 -12.98 -5.47 7.80
C GLU B 146 -13.45 -4.81 6.50
N ASN B 147 -13.99 -5.61 5.58
CA ASN B 147 -14.53 -5.16 4.30
C ASN B 147 -16.05 -5.07 4.30
N LEU B 148 -16.68 -5.09 5.47
CA LEU B 148 -18.13 -5.00 5.60
C LEU B 148 -18.48 -3.76 6.42
N LEU B 149 -19.18 -2.81 5.81
CA LEU B 149 -19.57 -1.61 6.51
C LEU B 149 -20.96 -1.80 7.14
N VAL B 150 -21.14 -1.17 8.33
CA VAL B 150 -22.35 -1.31 9.13
C VAL B 150 -23.17 -0.05 8.96
N TYR B 151 -24.48 -0.24 8.79
CA TYR B 151 -25.42 0.80 8.44
C TYR B 151 -26.60 0.64 9.40
N GLU B 152 -26.98 1.70 10.10
CA GLU B 152 -28.10 1.64 11.04
C GLU B 152 -29.28 2.45 10.49
N HIS B 153 -30.46 1.84 10.54
CA HIS B 153 -31.68 2.42 10.01
C HIS B 153 -32.31 3.37 11.03
N GLN B 154 -33.30 4.14 10.57
CA GLN B 154 -34.07 4.98 11.48
C GLN B 154 -34.54 4.17 12.68
N ASP B 155 -35.07 2.97 12.43
CA ASP B 155 -35.51 2.05 13.48
C ASP B 155 -34.39 1.44 14.30
N GLY B 156 -33.12 1.67 13.93
CA GLY B 156 -32.01 1.06 14.62
C GLY B 156 -31.65 -0.33 14.17
N SER B 157 -32.38 -0.91 13.22
CA SER B 157 -32.02 -2.19 12.64
C SER B 157 -30.78 -2.05 11.77
N LYS B 158 -29.93 -3.09 11.78
CA LYS B 158 -28.62 -3.03 11.14
C LYS B 158 -28.67 -3.51 9.69
N SER B 159 -27.84 -2.90 8.85
CA SER B 159 -27.64 -3.31 7.47
C SER B 159 -26.15 -3.42 7.17
N LEU B 160 -25.83 -4.08 6.06
CA LEU B 160 -24.45 -4.27 5.65
C LEU B 160 -24.25 -3.88 4.19
N LYS B 161 -23.01 -3.49 3.88
CA LYS B 161 -22.57 -3.20 2.53
C LYS B 161 -21.18 -3.79 2.30
N LEU B 162 -21.03 -4.53 1.20
CA LEU B 162 -19.79 -5.24 0.92
C LEU B 162 -18.86 -4.35 0.09
N GLY B 163 -17.56 -4.42 0.37
CA GLY B 163 -16.60 -3.60 -0.33
C GLY B 163 -15.23 -4.22 -0.50
N ASP B 164 -14.24 -3.40 -0.86
CA ASP B 164 -12.88 -3.83 -1.13
C ASP B 164 -12.84 -5.05 -2.05
N PHE B 165 -12.96 -4.82 -3.37
CA PHE B 165 -12.89 -5.90 -4.34
C PHE B 165 -11.48 -6.15 -4.86
N GLY B 166 -10.46 -5.85 -4.06
CA GLY B 166 -9.07 -5.96 -4.54
C GLY B 166 -8.68 -7.38 -4.90
N LEU B 167 -9.26 -8.37 -4.22
CA LEU B 167 -8.98 -9.77 -4.47
C LEU B 167 -10.02 -10.46 -5.35
N ALA B 168 -11.15 -9.80 -5.66
CA ALA B 168 -12.18 -10.46 -6.44
C ALA B 168 -11.68 -10.78 -7.84
N THR B 169 -12.34 -11.75 -8.48
CA THR B 169 -12.01 -12.16 -9.85
C THR B 169 -13.20 -12.92 -10.42
N ILE B 170 -13.13 -13.17 -11.73
CA ILE B 170 -14.12 -13.96 -12.44
C ILE B 170 -13.64 -15.40 -12.51
N VAL B 171 -14.53 -16.35 -12.28
CA VAL B 171 -14.16 -17.77 -12.20
C VAL B 171 -14.09 -18.36 -13.60
N ASP B 172 -12.92 -18.21 -14.25
CA ASP B 172 -12.70 -18.77 -15.59
C ASP B 172 -12.73 -20.29 -15.57
N GLY B 173 -12.23 -20.88 -14.49
CA GLY B 173 -12.21 -22.31 -14.27
C GLY B 173 -11.93 -22.54 -12.81
N PRO B 174 -11.46 -23.72 -12.43
CA PRO B 174 -11.07 -23.92 -11.04
C PRO B 174 -9.88 -23.03 -10.67
N LEU B 175 -10.01 -22.33 -9.54
CA LEU B 175 -8.95 -21.45 -9.05
C LEU B 175 -8.15 -22.15 -7.97
N TYR B 176 -6.88 -21.78 -7.86
CA TYR B 176 -5.99 -22.41 -6.91
C TYR B 176 -5.22 -21.41 -6.05
N THR B 177 -5.28 -20.11 -6.36
CA THR B 177 -4.56 -19.11 -5.59
C THR B 177 -5.06 -19.09 -4.16
N VAL B 178 -4.14 -18.97 -3.21
CA VAL B 178 -4.48 -18.98 -1.78
C VAL B 178 -4.58 -17.53 -1.34
N CYS B 179 -5.81 -17.04 -1.25
CA CYS B 179 -6.09 -15.66 -0.89
C CYS B 179 -7.09 -15.63 0.27
N GLY B 180 -7.05 -14.57 1.06
CA GLY B 180 -7.99 -14.38 2.15
C GLY B 180 -7.34 -14.50 3.52
N THR B 181 -8.01 -13.88 4.51
CA THR B 181 -7.59 -13.97 5.91
C THR B 181 -7.97 -15.33 6.45
N PRO B 182 -7.03 -16.11 6.99
CA PRO B 182 -7.28 -17.56 7.20
C PRO B 182 -8.53 -17.92 8.01
N THR B 183 -8.98 -17.07 8.94
CA THR B 183 -10.12 -17.44 9.77
C THR B 183 -11.36 -17.73 8.94
N TYR B 184 -11.55 -16.98 7.86
CA TYR B 184 -12.74 -17.05 7.01
C TYR B 184 -12.50 -17.82 5.72
N VAL B 185 -11.34 -18.45 5.57
CA VAL B 185 -10.97 -19.10 4.32
C VAL B 185 -11.53 -20.52 4.32
N ALA B 186 -12.07 -20.94 3.17
CA ALA B 186 -12.68 -22.24 3.04
C ALA B 186 -11.61 -23.33 2.98
N PRO B 187 -11.96 -24.58 3.34
CA PRO B 187 -10.95 -25.64 3.32
C PRO B 187 -10.42 -25.96 1.92
N GLU B 188 -11.24 -25.88 0.88
CA GLU B 188 -10.77 -26.16 -0.49
C GLU B 188 -9.70 -25.18 -0.94
N ILE B 189 -9.70 -23.96 -0.40
CA ILE B 189 -8.61 -23.02 -0.66
C ILE B 189 -7.34 -23.51 0.02
N ILE B 190 -7.45 -23.91 1.29
CA ILE B 190 -6.30 -24.42 2.04
C ILE B 190 -5.80 -25.72 1.42
N ALA B 191 -6.73 -26.63 1.11
CA ALA B 191 -6.39 -27.95 0.59
C ALA B 191 -5.76 -27.88 -0.79
N GLU B 192 -5.93 -26.77 -1.50
CA GLU B 192 -5.40 -26.60 -2.85
C GLU B 192 -5.98 -27.64 -3.81
N THR B 193 -7.22 -28.08 -3.55
CA THR B 193 -7.94 -28.96 -4.47
C THR B 193 -8.73 -28.20 -5.53
N GLY B 194 -8.80 -26.86 -5.45
CA GLY B 194 -9.48 -26.07 -6.46
C GLY B 194 -10.82 -25.53 -6.00
N TYR B 195 -11.03 -24.21 -6.13
CA TYR B 195 -12.23 -23.57 -5.60
C TYR B 195 -12.88 -22.65 -6.64
N GLY B 196 -14.14 -22.30 -6.35
CA GLY B 196 -14.96 -21.41 -7.15
C GLY B 196 -15.82 -20.50 -6.29
N LEU B 197 -17.06 -20.24 -6.72
CA LEU B 197 -17.87 -19.20 -6.10
C LEU B 197 -18.22 -19.53 -4.65
N LYS B 198 -18.27 -20.80 -4.27
CA LYS B 198 -18.84 -21.13 -2.98
C LYS B 198 -17.90 -20.87 -1.80
N VAL B 199 -16.71 -20.29 -2.03
CA VAL B 199 -15.88 -19.90 -0.89
C VAL B 199 -16.45 -18.66 -0.22
N ASP B 200 -17.29 -17.89 -0.93
CA ASP B 200 -17.95 -16.74 -0.33
C ASP B 200 -19.03 -17.19 0.67
N ILE B 201 -19.74 -18.28 0.37
CA ILE B 201 -20.77 -18.76 1.28
C ILE B 201 -20.13 -19.24 2.57
N TRP B 202 -18.99 -19.93 2.46
CA TRP B 202 -18.26 -20.37 3.65
C TRP B 202 -17.85 -19.18 4.51
N ALA B 203 -17.34 -18.12 3.88
CA ALA B 203 -16.94 -16.93 4.62
C ALA B 203 -18.14 -16.25 5.29
N ALA B 204 -19.29 -16.23 4.61
CA ALA B 204 -20.49 -15.68 5.24
C ALA B 204 -20.96 -16.52 6.42
N GLY B 205 -20.76 -17.85 6.36
CA GLY B 205 -21.10 -18.68 7.51
C GLY B 205 -20.23 -18.40 8.71
N VAL B 206 -18.94 -18.15 8.50
CA VAL B 206 -18.05 -17.85 9.62
C VAL B 206 -18.45 -16.53 10.26
N ILE B 207 -18.87 -15.55 9.45
CA ILE B 207 -19.29 -14.25 9.97
C ILE B 207 -20.59 -14.36 10.74
N THR B 208 -21.58 -15.07 10.18
CA THR B 208 -22.87 -15.24 10.88
C THR B 208 -22.66 -15.93 12.22
N TYR B 209 -21.73 -16.90 12.25
CA TYR B 209 -21.34 -17.54 13.51
C TYR B 209 -20.76 -16.52 14.48
N ILE B 210 -19.81 -15.70 14.02
CA ILE B 210 -19.20 -14.68 14.88
C ILE B 210 -20.25 -13.68 15.35
N LEU B 211 -21.23 -13.37 14.51
CA LEU B 211 -22.26 -12.41 14.89
C LEU B 211 -23.08 -12.91 16.06
N LEU B 212 -23.42 -14.21 16.07
CA LEU B 212 -24.35 -14.75 17.05
C LEU B 212 -23.68 -15.07 18.39
N CYS B 213 -22.37 -15.40 18.41
CA CYS B 213 -21.70 -15.81 19.64
C CYS B 213 -20.45 -15.02 20.02
N GLY B 214 -19.89 -14.23 19.10
CA GLY B 214 -18.77 -13.36 19.41
C GLY B 214 -17.40 -13.93 19.16
N PHE B 215 -17.29 -15.18 18.73
CA PHE B 215 -16.01 -15.82 18.47
C PHE B 215 -16.11 -16.67 17.23
N PRO B 216 -15.00 -16.93 16.53
CA PRO B 216 -15.05 -17.72 15.29
C PRO B 216 -15.21 -19.21 15.59
N PRO B 217 -15.75 -20.00 14.64
CA PRO B 217 -15.88 -21.45 14.90
C PRO B 217 -14.56 -22.18 14.87
N PHE B 218 -13.55 -21.63 14.21
CA PHE B 218 -12.23 -22.22 14.14
C PHE B 218 -11.23 -21.21 14.64
N ARG B 219 -10.57 -21.52 15.76
CA ARG B 219 -9.79 -20.54 16.50
C ARG B 219 -8.28 -20.81 16.47
N GLY B 220 -7.85 -22.06 16.63
CA GLY B 220 -6.43 -22.33 16.63
C GLY B 220 -5.74 -21.78 17.88
N SER B 221 -4.41 -21.72 17.80
CA SER B 221 -3.59 -21.24 18.90
C SER B 221 -2.52 -20.26 18.41
N GLN B 225 -0.74 -21.03 13.19
CA GLN B 225 -1.12 -21.11 11.78
C GLN B 225 -1.49 -22.53 11.41
N GLU B 226 -0.67 -23.47 11.88
CA GLU B 226 -0.83 -24.87 11.51
C GLU B 226 -2.08 -25.48 12.12
N VAL B 227 -2.41 -25.08 13.35
CA VAL B 227 -3.54 -25.71 14.04
C VAL B 227 -4.87 -25.24 13.45
N LEU B 228 -4.98 -23.94 13.13
CA LEU B 228 -6.20 -23.40 12.55
C LEU B 228 -6.56 -24.12 11.25
N PHE B 229 -5.53 -24.43 10.44
CA PHE B 229 -5.74 -25.02 9.12
C PHE B 229 -6.26 -26.46 9.22
N ASP B 230 -5.73 -27.25 10.14
CA ASP B 230 -6.25 -28.60 10.33
C ASP B 230 -7.68 -28.56 10.86
N GLN B 231 -8.03 -27.49 11.58
CA GLN B 231 -9.38 -27.30 12.07
C GLN B 231 -10.36 -27.09 10.93
N ILE B 232 -9.98 -26.26 9.96
CA ILE B 232 -10.85 -25.96 8.82
C ILE B 232 -10.97 -27.18 7.92
N LEU B 233 -9.84 -27.84 7.65
CA LEU B 233 -9.88 -29.05 6.84
C LEU B 233 -10.78 -30.09 7.49
N MET B 234 -10.83 -30.12 8.83
CA MET B 234 -11.76 -31.01 9.53
C MET B 234 -13.20 -30.55 9.34
N GLY B 235 -13.44 -29.25 9.41
CA GLY B 235 -14.78 -28.70 9.22
C GLY B 235 -15.77 -29.08 10.30
N GLN B 236 -15.30 -29.27 11.53
CA GLN B 236 -16.16 -29.68 12.63
C GLN B 236 -16.83 -28.42 13.19
N VAL B 237 -18.13 -28.27 12.88
CA VAL B 237 -18.92 -27.14 13.36
C VAL B 237 -19.61 -27.54 14.66
N ASP B 238 -19.26 -26.85 15.75
CA ASP B 238 -19.84 -27.06 17.07
C ASP B 238 -20.47 -25.76 17.55
N PHE B 239 -21.51 -25.90 18.39
CA PHE B 239 -22.24 -24.75 18.93
C PHE B 239 -22.15 -24.87 20.44
N PRO B 240 -21.03 -24.46 21.04
CA PRO B 240 -20.81 -24.67 22.47
C PRO B 240 -21.91 -24.04 23.32
N SER B 241 -22.03 -24.57 24.56
CA SER B 241 -22.85 -24.08 25.65
C SER B 241 -21.97 -23.35 26.66
N PRO B 242 -22.48 -22.33 27.36
CA PRO B 242 -23.85 -21.80 27.40
C PRO B 242 -24.24 -20.87 26.25
N TYR B 243 -23.25 -20.51 25.42
CA TYR B 243 -23.44 -19.43 24.45
C TYR B 243 -24.56 -19.74 23.47
N TRP B 244 -24.60 -20.97 22.97
CA TRP B 244 -25.54 -21.32 21.90
C TRP B 244 -26.81 -21.97 22.44
N ASP B 245 -27.01 -21.94 23.76
CA ASP B 245 -28.25 -22.45 24.35
C ASP B 245 -29.43 -21.57 23.94
N ASN B 246 -29.21 -20.26 23.89
CA ASN B 246 -30.28 -19.34 23.54
C ASN B 246 -30.59 -19.42 22.05
N VAL B 247 -29.55 -19.61 21.23
CA VAL B 247 -29.70 -19.54 19.78
C VAL B 247 -30.51 -20.71 19.26
N SER B 248 -31.43 -20.42 18.34
CA SER B 248 -32.39 -21.41 17.84
C SER B 248 -31.72 -22.46 16.97
N ASP B 249 -32.43 -23.57 16.77
CA ASP B 249 -31.96 -24.62 15.88
C ASP B 249 -32.12 -24.22 14.41
N SER B 250 -32.99 -23.26 14.11
CA SER B 250 -33.10 -22.75 12.75
C SER B 250 -31.81 -22.05 12.32
N ALA B 251 -31.20 -21.30 13.25
CA ALA B 251 -29.92 -20.64 12.97
C ALA B 251 -28.80 -21.66 12.83
N LYS B 252 -28.75 -22.63 13.74
CA LYS B 252 -27.69 -23.65 13.71
C LYS B 252 -27.76 -24.49 12.45
N GLU B 253 -28.95 -24.76 11.94
CA GLU B 253 -29.07 -25.53 10.71
C GLU B 253 -28.50 -24.76 9.53
N LEU B 254 -28.85 -23.47 9.41
CA LEU B 254 -28.38 -22.64 8.31
C LEU B 254 -26.85 -22.45 8.38
N ILE B 255 -26.34 -22.08 9.56
CA ILE B 255 -24.89 -21.95 9.74
C ILE B 255 -24.19 -23.27 9.38
N THR B 256 -24.81 -24.40 9.71
CA THR B 256 -24.25 -25.70 9.38
C THR B 256 -24.22 -25.92 7.87
N MET B 257 -25.32 -25.59 7.17
CA MET B 257 -25.36 -25.78 5.73
C MET B 257 -24.39 -24.85 4.99
N MET B 258 -24.10 -23.67 5.55
CA MET B 258 -23.10 -22.79 4.95
C MET B 258 -21.69 -23.29 5.16
N LEU B 259 -21.41 -23.96 6.28
CA LEU B 259 -20.07 -24.44 6.61
C LEU B 259 -19.89 -25.94 6.33
N LEU B 260 -20.38 -26.42 5.17
CA LEU B 260 -20.18 -27.80 4.78
C LEU B 260 -18.87 -27.91 4.00
N VAL B 261 -18.13 -28.98 4.24
CA VAL B 261 -16.87 -29.16 3.53
C VAL B 261 -17.12 -29.65 2.11
N ASP B 262 -18.19 -30.41 1.89
CA ASP B 262 -18.56 -30.84 0.54
C ASP B 262 -19.12 -29.66 -0.22
N VAL B 263 -18.39 -29.20 -1.24
CA VAL B 263 -18.79 -27.98 -1.95
C VAL B 263 -20.12 -28.18 -2.66
N ASP B 264 -20.40 -29.40 -3.12
CA ASP B 264 -21.68 -29.67 -3.81
C ASP B 264 -22.85 -29.60 -2.84
N GLN B 265 -22.66 -30.04 -1.59
CA GLN B 265 -23.73 -30.00 -0.60
C GLN B 265 -23.88 -28.63 0.07
N ARG B 266 -22.81 -27.84 0.14
CA ARG B 266 -22.87 -26.51 0.74
C ARG B 266 -23.96 -25.66 0.08
N PHE B 267 -24.59 -24.81 0.87
CA PHE B 267 -25.67 -23.97 0.35
C PHE B 267 -25.11 -22.97 -0.67
N SER B 268 -25.91 -22.71 -1.70
CA SER B 268 -25.60 -21.59 -2.58
C SER B 268 -26.21 -20.34 -1.98
N ALA B 269 -25.83 -19.19 -2.54
CA ALA B 269 -26.37 -17.94 -2.01
C ALA B 269 -27.89 -17.91 -2.06
N VAL B 270 -28.49 -18.56 -3.08
CA VAL B 270 -29.95 -18.63 -3.19
C VAL B 270 -30.54 -19.45 -2.04
N GLN B 271 -29.91 -20.57 -1.70
CA GLN B 271 -30.42 -21.41 -0.63
C GLN B 271 -30.31 -20.74 0.75
N VAL B 272 -29.35 -19.83 0.92
CA VAL B 272 -29.30 -19.00 2.13
C VAL B 272 -30.47 -18.02 2.14
N LEU B 273 -30.78 -17.42 0.99
CA LEU B 273 -31.84 -16.42 0.94
C LEU B 273 -33.22 -17.04 1.07
N GLU B 274 -33.35 -18.35 0.89
CA GLU B 274 -34.61 -19.06 1.07
C GLU B 274 -34.75 -19.71 2.44
N HIS B 275 -33.77 -19.54 3.32
CA HIS B 275 -33.83 -20.19 4.63
C HIS B 275 -34.85 -19.51 5.53
N PRO B 276 -35.58 -20.26 6.35
CA PRO B 276 -36.58 -19.62 7.22
C PRO B 276 -35.97 -18.63 8.21
N TRP B 277 -34.73 -18.86 8.67
CA TRP B 277 -34.11 -17.96 9.62
C TRP B 277 -33.95 -16.55 9.06
N VAL B 278 -33.70 -16.43 7.75
CA VAL B 278 -33.49 -15.12 7.14
C VAL B 278 -34.83 -14.39 6.95
N ASN B 279 -35.89 -15.12 6.55
CA ASN B 279 -37.26 -14.59 6.45
C ASN B 279 -38.26 -15.42 7.27
N ASP B 280 -38.69 -14.92 8.43
CA ASP B 280 -39.67 -15.63 9.28
C ASP B 280 -41.13 -15.14 9.14
N1 XBD C . 11.55 7.93 8.41
C7 XBD C . 10.98 10.86 8.33
C8 XBD C . 10.12 11.90 8.08
N2 XBD C . 12.22 9.50 9.98
C9 XBD C . 9.62 12.70 9.11
O1 XBD C . 11.32 11.03 11.94
C1 XBD C . 13.20 3.48 8.52
C5 XBD C . 12.37 8.26 9.42
C6 XBD C . 11.37 10.56 9.65
N3 XBD C . 8.69 13.70 8.85
C4 XBD C . 11.81 6.76 7.80
C3 XBD C . 12.86 5.91 8.22
C2 XBD C . 11.85 2.85 8.70
N4 XBD C . 6.96 15.88 8.23
N XBD C . 13.11 4.64 7.62
C XBD C . 13.25 4.41 6.28
O XBD C . 13.65 3.34 5.86
C10 XBD C . 8.33 13.99 7.45
C11 XBD C . 6.99 14.70 7.38
C12 XBD C . 5.69 16.60 8.10
C13 XBD C . 7.18 15.46 9.62
C14 XBD C . 8.54 14.81 9.78
C15 XBD C . 10.03 12.43 10.42
C16 XBD C . 10.88 11.38 10.67
C17 XBD C . 10.80 11.77 13.04
C18 XBD C . 13.63 6.38 9.28
C19 XBD C . 9.73 7.06 6.63
C20 XBD C . 11.86 6.42 5.49
C21 XBD C . 12.88 5.49 5.31
C22 XBD C . 13.64 5.52 4.14
C23 XBD C . 13.37 6.46 3.16
C24 XBD C . 12.35 7.38 3.34
C25 XBD C . 11.59 7.36 4.50
F XBD C . 11.16 2.80 7.54
F1 XBD C . 11.94 1.58 9.13
F2 XBD C . 11.10 3.52 9.59
N5 XBD C . 13.41 7.54 9.90
N6 XBD C . 11.05 6.42 6.67
C1 PEG D . 10.55 -2.97 2.85
O1 PEG D . 9.20 -2.63 2.62
C2 PEG D . 11.48 -1.76 3.10
O2 PEG D . 10.92 -0.71 3.88
C3 PEG D . 11.45 0.56 3.63
C4 PEG D . 10.87 1.60 4.60
O4 PEG D . 10.06 2.54 3.94
N1 XBD E . -15.52 3.51 4.81
C7 XBD E . -15.50 3.53 7.80
C8 XBD E . -14.80 3.53 9.00
N2 XBD E . -16.94 4.71 6.17
C9 XBD E . -14.82 4.66 9.83
O1 XBD E . -17.02 6.81 7.78
C1 XBD E . -15.65 3.91 0.11
C5 XBD E . -16.66 4.21 4.94
C6 XBD E . -16.24 4.65 7.40
N3 XBD E . -14.06 4.67 11.00
C4 XBD E . -15.22 3.05 3.59
C3 XBD E . -16.07 3.29 2.47
C2 XBD E . -14.27 4.52 0.10
N4 XBD E . -12.78 4.51 13.55
N XBD E . -15.68 2.88 1.16
C XBD E . -15.34 1.59 0.81
O XBD E . -15.30 1.26 -0.37
C10 XBD E . -13.41 3.43 11.44
C11 XBD E . -12.29 3.71 12.43
C12 XBD E . -11.72 4.71 14.55
C13 XBD E . -13.28 5.79 13.06
C14 XBD E . -14.43 5.57 12.10
C15 XBD E . -15.59 5.77 9.45
C16 XBD E . -16.26 5.76 8.25
C17 XBD E . -17.02 8.02 8.56
C18 XBD E . -17.23 4.01 2.74
C19 XBD E . -13.04 2.47 4.47
C20 XBD E . -14.39 0.93 3.11
C21 XBD E . -15.01 0.61 1.89
C22 XBD E . -15.36 -0.71 1.62
C23 XBD E . -15.09 -1.70 2.57
C24 XBD E . -14.47 -1.38 3.75
C25 XBD E . -14.12 -0.07 4.04
F XBD E . -13.31 3.60 0.18
F1 XBD E . -14.03 5.21 -1.02
F2 XBD E . -14.09 5.37 1.11
N5 XBD E . -17.54 4.47 3.96
N6 XBD E . -14.06 2.28 3.44
O1 PG4 F . -8.48 0.86 1.57
C1 PG4 F . -9.71 1.54 1.76
C2 PG4 F . -10.88 0.76 1.14
O2 PG4 F . -10.83 0.85 -0.27
C3 PG4 F . -11.88 0.27 -1.00
C4 PG4 F . -11.89 0.81 -2.45
O3 PG4 F . -10.59 0.95 -2.97
C5 PG4 F . -10.48 1.33 -4.33
C6 PG4 F . -9.15 0.86 -4.95
O4 PG4 F . -8.06 1.16 -4.10
C7 PG4 F . -6.82 0.62 -4.49
C8 PG4 F . -5.76 0.97 -3.43
O5 PG4 F . -6.06 0.31 -2.23
#